data_7N3O
#
_entry.id   7N3O
#
_cell.length_a   1.00
_cell.length_b   1.00
_cell.length_c   1.00
_cell.angle_alpha   90.00
_cell.angle_beta   90.00
_cell.angle_gamma   90.00
#
_symmetry.space_group_name_H-M   'P 1'
#
loop_
_entity.id
_entity.type
_entity.pdbx_description
1 polymer Cas12k
2 polymer 'Single guide RNA'
#
loop_
_entity_poly.entity_id
_entity_poly.type
_entity_poly.pdbx_seq_one_letter_code
_entity_poly.pdbx_strand_id
1 'polypeptide(L)'
;MSQITIQARLISFESNRQQLWKLMADLNTPLINELLCQLGQHPDFEKWQQKGKLPSTVVSQLCQPLKTDPRFAGQPSRLY
MSAIHIVDYIYKSWLAIQKRLQQQLDGKTRWLEMLNSDAELVELSGDTLEAIRVKAAEILAIAMPASESDSASPKGKKGK
KEKKPSSSSPKRSLSKTLFDAYQETEDIKSRSAISYLLKNGCKLTDKEEDSEKFAKRRRQVEIQIQRLTEKLISRMPKGR
DLTNAKWLETLLTATTTVAEDNAQAKRWQDILLTRSSSLPFPLVFETNEDMVWSKNQKGRLCVHFNGLSDLIFEVYCGNR
QLHWFQRFLEDQQTKRKSKNQHSSGLFTLRNGHLVWLEGEGKGEPWNLHHLTLYCCVDNRLWTEEGTEIVRQEKADEITK
FITNMKKKSDLSDTQQALIQRKQSTLTRINNSFERPSQPLYQGQSHILVGVSLGLEKPATVAVVDAIANKVLAYRSIKQL
LGDNYELLNRQRRQQQYLSHERHKAQKNFSPNQFGASELGQHIDRLLAKAIVALARTYKAGSIVLPKLGDMREVVQSEIQ
AIAEQKFPGYIEGQQKYAKQYRVNVHRWSYGRLIQSIQSKAAQTGIVIEEGKQPIRGSPHDKAKELALSAYNLRLTRRS
;
A
2 'polyribonucleotide'
;AUAUUAAUAGCGCCGCAAUUCAUGCUGCUUGCAGCCUCUGAAUUUUGUUAAAUGAGGGUUAGUUUGACUGUAUAAAUACA
GUCUUGCUUUCUGACCCUGGUAGCUGCUCACCCUGAUGCUGCUGUCAAUAGACAGGAUAGGUGCGCUCCCAGCAAUAAGG
GCGCGGAUGUACUGCUGUAGUGGCUACUGAAUCACCCCCGAUCAAGGGGGAACCCUCCAAAAGGUGGGUUGAAAGGAGAA
GUCAUUUAAUAAGGCCACUGUUAAA
;
B
#
loop_
_chem_comp.id
_chem_comp.type
_chem_comp.name
_chem_comp.formula
A RNA linking ADENOSINE-5'-MONOPHOSPHATE 'C10 H14 N5 O7 P'
C RNA linking CYTIDINE-5'-MONOPHOSPHATE 'C9 H14 N3 O8 P'
G RNA linking GUANOSINE-5'-MONOPHOSPHATE 'C10 H14 N5 O8 P'
U RNA linking URIDINE-5'-MONOPHOSPHATE 'C9 H13 N2 O9 P'
#
# COMPACT_ATOMS: atom_id res chain seq x y z
N MET A 1 -8.39 -4.91 -1.30
CA MET A 1 -6.96 -5.12 -1.10
C MET A 1 -6.15 -3.96 -1.68
N SER A 2 -6.81 -3.17 -2.53
CA SER A 2 -6.16 -2.05 -3.19
C SER A 2 -6.50 -0.75 -2.47
N GLN A 3 -5.47 0.04 -2.16
CA GLN A 3 -5.64 1.32 -1.48
C GLN A 3 -4.68 2.33 -2.09
N ILE A 4 -5.08 3.61 -2.05
CA ILE A 4 -4.28 4.71 -2.58
C ILE A 4 -4.10 5.73 -1.46
N THR A 5 -2.85 6.16 -1.26
CA THR A 5 -2.54 7.14 -0.23
C THR A 5 -2.51 8.54 -0.83
N ILE A 6 -3.26 9.46 -0.22
CA ILE A 6 -3.33 10.84 -0.65
C ILE A 6 -2.67 11.69 0.42
N GLN A 7 -1.69 12.50 0.02
CA GLN A 7 -0.89 13.30 0.93
C GLN A 7 -1.35 14.75 0.89
N ALA A 8 -1.42 15.39 2.06
CA ALA A 8 -1.81 16.79 2.14
C ALA A 8 -1.06 17.44 3.30
N ARG A 9 -0.94 18.76 3.24
CA ARG A 9 -0.27 19.55 4.26
C ARG A 9 -1.32 20.38 4.99
N LEU A 10 -1.16 20.51 6.31
CA LEU A 10 -2.13 21.21 7.15
C LEU A 10 -1.55 22.54 7.61
N ILE A 11 -2.31 23.61 7.40
CA ILE A 11 -1.90 24.96 7.76
C ILE A 11 -2.96 25.53 8.70
N SER A 12 -2.50 26.10 9.81
CA SER A 12 -3.39 26.70 10.80
C SER A 12 -2.62 27.82 11.50
N PHE A 13 -3.19 28.35 12.57
CA PHE A 13 -2.57 29.43 13.32
C PHE A 13 -1.49 28.88 14.25
N GLU A 14 -0.68 29.80 14.79
CA GLU A 14 0.40 29.40 15.69
C GLU A 14 -0.14 28.78 16.97
N SER A 15 -1.23 29.34 17.52
CA SER A 15 -1.82 28.79 18.74
C SER A 15 -2.37 27.40 18.50
N ASN A 16 -2.93 27.14 17.32
CA ASN A 16 -3.45 25.82 17.01
C ASN A 16 -2.34 24.78 17.03
N ARG A 17 -1.25 25.04 16.31
CA ARG A 17 -0.12 24.12 16.31
C ARG A 17 0.51 23.98 17.68
N GLN A 18 0.55 25.06 18.45
CA GLN A 18 1.04 24.98 19.83
C GLN A 18 0.19 24.03 20.66
N GLN A 19 -1.14 24.16 20.55
CA GLN A 19 -2.04 23.30 21.31
C GLN A 19 -1.89 21.84 20.90
N LEU A 20 -1.80 21.57 19.59
CA LEU A 20 -1.63 20.20 19.14
C LEU A 20 -0.29 19.62 19.59
N TRP A 21 0.79 20.41 19.54
CA TRP A 21 2.09 19.91 20.00
C TRP A 21 2.08 19.64 21.50
N LYS A 22 1.47 20.52 22.28
CA LYS A 22 1.34 20.27 23.72
C LYS A 22 0.45 19.05 24.00
N LEU A 23 -0.48 18.73 23.10
CA LEU A 23 -1.39 17.61 23.32
C LEU A 23 -0.79 16.27 22.88
N MET A 24 0.10 16.27 21.88
CA MET A 24 0.67 15.01 21.40
C MET A 24 2.02 14.70 22.05
N ALA A 25 2.95 15.65 22.01
CA ALA A 25 4.32 15.37 22.45
C ALA A 25 4.37 15.03 23.94
N ASP A 26 3.62 15.74 24.77
CA ASP A 26 3.67 15.52 26.21
C ASP A 26 2.70 14.45 26.69
N LEU A 27 1.74 14.05 25.87
CA LEU A 27 0.73 13.07 26.29
C LEU A 27 0.77 11.79 25.48
N ASN A 28 0.70 11.89 24.15
CA ASN A 28 0.60 10.68 23.33
C ASN A 28 1.94 9.94 23.25
N THR A 29 3.04 10.66 23.08
CA THR A 29 4.33 9.99 23.00
C THR A 29 4.73 9.28 24.30
N PRO A 30 4.59 9.88 25.50
CA PRO A 30 4.83 9.08 26.71
C PRO A 30 3.87 7.92 26.85
N LEU A 31 2.64 8.08 26.36
CA LEU A 31 1.65 6.96 26.33
C LEU A 31 2.24 5.80 25.53
N ILE A 32 2.67 6.06 24.29
CA ILE A 32 3.20 5.01 23.44
C ILE A 32 4.41 4.37 24.09
N ASN A 33 5.30 5.19 24.66
CA ASN A 33 6.51 4.66 25.29
C ASN A 33 6.18 3.78 26.49
N GLU A 34 5.22 4.20 27.32
CA GLU A 34 4.91 3.45 28.52
C GLU A 34 4.16 2.15 28.21
N LEU A 35 3.26 2.15 27.22
CA LEU A 35 2.67 0.87 26.83
C LEU A 35 3.66 -0.04 26.10
N LEU A 36 4.62 0.52 25.37
CA LEU A 36 5.69 -0.31 24.82
C LEU A 36 6.48 -0.97 25.93
N CYS A 37 6.84 -0.20 26.97
CA CYS A 37 7.56 -0.78 28.11
C CYS A 37 6.70 -1.82 28.83
N GLN A 38 5.40 -1.55 28.98
CA GLN A 38 4.51 -2.49 29.67
C GLN A 38 4.39 -3.80 28.91
N LEU A 39 4.24 -3.74 27.58
CA LEU A 39 4.16 -4.98 26.81
C LEU A 39 5.50 -5.68 26.76
N GLY A 40 6.60 -4.93 26.86
CA GLY A 40 7.91 -5.56 26.99
C GLY A 40 8.05 -6.32 28.30
N GLN A 41 7.50 -5.78 29.38
CA GLN A 41 7.53 -6.44 30.69
C GLN A 41 6.26 -7.25 30.97
N HIS A 42 5.33 -7.30 30.03
CA HIS A 42 4.11 -8.06 30.25
C HIS A 42 4.46 -9.54 30.27
N PRO A 43 3.99 -10.29 31.28
CA PRO A 43 4.38 -11.71 31.38
C PRO A 43 3.96 -12.54 30.17
N ASP A 44 2.90 -12.16 29.47
CA ASP A 44 2.45 -12.89 28.29
C ASP A 44 3.24 -12.55 27.03
N PHE A 45 4.23 -11.66 27.13
CA PHE A 45 5.05 -11.33 25.96
C PHE A 45 5.82 -12.54 25.45
N GLU A 46 6.34 -13.36 26.36
CA GLU A 46 7.06 -14.57 25.96
C GLU A 46 6.15 -15.53 25.22
N LYS A 47 4.91 -15.70 25.70
CA LYS A 47 3.96 -16.55 24.99
C LYS A 47 3.60 -15.95 23.63
N TRP A 48 3.44 -14.63 23.56
CA TRP A 48 3.12 -13.97 22.30
C TRP A 48 4.29 -13.94 21.32
N GLN A 49 5.50 -14.25 21.78
CA GLN A 49 6.65 -14.33 20.87
C GLN A 49 6.47 -15.43 19.83
N GLN A 50 5.80 -16.53 20.20
CA GLN A 50 5.69 -17.67 19.31
C GLN A 50 4.77 -17.37 18.12
N LYS A 51 3.61 -16.78 18.39
CA LYS A 51 2.60 -16.54 17.36
C LYS A 51 2.60 -15.07 16.98
N GLY A 52 2.59 -14.81 15.67
CA GLY A 52 2.63 -13.44 15.17
C GLY A 52 1.27 -12.79 15.07
N LYS A 53 0.59 -12.61 16.21
CA LYS A 53 -0.70 -11.96 16.24
C LYS A 53 -0.89 -11.29 17.58
N LEU A 54 -1.78 -10.29 17.62
CA LEU A 54 -2.10 -9.59 18.85
C LEU A 54 -3.51 -9.02 18.78
N PRO A 55 -4.46 -9.58 19.51
CA PRO A 55 -5.80 -8.98 19.56
C PRO A 55 -5.78 -7.62 20.25
N SER A 56 -6.69 -6.75 19.84
CA SER A 56 -6.80 -5.43 20.43
C SER A 56 -7.58 -5.42 21.73
N THR A 57 -8.32 -6.51 22.03
CA THR A 57 -9.12 -6.55 23.24
C THR A 57 -8.24 -6.53 24.49
N VAL A 58 -7.16 -7.31 24.51
CA VAL A 58 -6.27 -7.33 25.66
C VAL A 58 -5.55 -6.00 25.81
N VAL A 59 -5.18 -5.37 24.69
CA VAL A 59 -4.53 -4.07 24.74
C VAL A 59 -5.47 -3.02 25.33
N SER A 60 -6.74 -3.03 24.90
CA SER A 60 -7.71 -2.10 25.48
C SER A 60 -7.92 -2.38 26.96
N GLN A 61 -7.99 -3.67 27.34
CA GLN A 61 -8.18 -4.04 28.74
C GLN A 61 -6.98 -3.71 29.60
N LEU A 62 -5.80 -3.55 29.02
CA LEU A 62 -4.63 -3.09 29.75
C LEU A 62 -4.42 -1.58 29.65
N CYS A 63 -5.12 -0.91 28.74
CA CYS A 63 -4.91 0.52 28.50
C CYS A 63 -5.99 1.42 29.09
N GLN A 64 -7.20 0.92 29.30
CA GLN A 64 -8.29 1.81 29.68
C GLN A 64 -8.14 2.51 31.05
N PRO A 65 -7.42 1.97 32.06
CA PRO A 65 -7.26 2.76 33.29
C PRO A 65 -6.48 4.06 33.09
N LEU A 66 -5.68 4.17 32.04
CA LEU A 66 -4.93 5.40 31.79
C LEU A 66 -5.80 6.54 31.30
N LYS A 67 -7.07 6.28 30.97
CA LYS A 67 -7.97 7.35 30.56
C LYS A 67 -8.19 8.34 31.69
N THR A 68 -8.35 7.85 32.92
CA THR A 68 -8.57 8.69 34.09
C THR A 68 -7.28 9.06 34.81
N ASP A 69 -6.12 8.70 34.26
CA ASP A 69 -4.86 9.03 34.90
C ASP A 69 -4.65 10.54 34.95
N PRO A 70 -4.15 11.08 36.06
CA PRO A 70 -3.98 12.54 36.16
C PRO A 70 -3.03 13.11 35.13
N ARG A 71 -1.98 12.39 34.75
CA ARG A 71 -1.04 12.90 33.76
C ARG A 71 -1.64 12.92 32.37
N PHE A 72 -2.51 11.96 32.05
CA PHE A 72 -3.11 11.81 30.73
C PHE A 72 -4.62 11.97 30.82
N ALA A 73 -5.06 13.00 31.55
CA ALA A 73 -6.48 13.20 31.81
C ALA A 73 -7.21 13.81 30.62
N GLY A 74 -6.72 14.93 30.09
CA GLY A 74 -7.40 15.62 29.02
C GLY A 74 -7.01 15.14 27.64
N GLN A 75 -7.83 14.24 27.07
CA GLN A 75 -7.65 13.72 25.72
C GLN A 75 -8.89 12.93 25.31
N PRO A 76 -9.35 13.07 24.07
CA PRO A 76 -10.50 12.26 23.63
C PRO A 76 -10.15 10.78 23.58
N SER A 77 -11.15 9.94 23.86
CA SER A 77 -10.97 8.50 23.81
C SER A 77 -10.66 8.01 22.39
N ARG A 78 -11.07 8.77 21.37
CA ARG A 78 -10.72 8.42 20.00
C ARG A 78 -9.21 8.46 19.80
N LEU A 79 -8.53 9.44 20.40
CA LEU A 79 -7.08 9.48 20.32
C LEU A 79 -6.45 8.33 21.10
N TYR A 80 -7.07 7.92 22.21
CA TYR A 80 -6.56 6.77 22.95
C TYR A 80 -6.65 5.49 22.12
N MET A 81 -7.78 5.25 21.46
CA MET A 81 -7.88 4.07 20.62
C MET A 81 -7.00 4.21 19.38
N SER A 82 -6.75 5.43 18.93
CA SER A 82 -5.75 5.65 17.88
C SER A 82 -4.38 5.20 18.34
N ALA A 83 -4.00 5.55 19.57
CA ALA A 83 -2.70 5.14 20.11
C ALA A 83 -2.62 3.63 20.25
N ILE A 84 -3.68 2.99 20.72
CA ILE A 84 -3.65 1.54 20.86
C ILE A 84 -3.60 0.87 19.49
N HIS A 85 -4.27 1.43 18.48
CA HIS A 85 -4.16 0.89 17.13
C HIS A 85 -2.74 1.04 16.59
N ILE A 86 -2.10 2.18 16.87
CA ILE A 86 -0.73 2.40 16.42
C ILE A 86 0.21 1.40 17.06
N VAL A 87 0.10 1.18 18.38
CA VAL A 87 0.99 0.25 19.04
C VAL A 87 0.71 -1.19 18.58
N ASP A 88 -0.56 -1.52 18.30
CA ASP A 88 -0.88 -2.83 17.77
C ASP A 88 -0.24 -3.05 16.40
N TYR A 89 -0.33 -2.04 15.53
CA TYR A 89 0.27 -2.16 14.20
C TYR A 89 1.79 -2.27 14.29
N ILE A 90 2.40 -1.48 15.16
CA ILE A 90 3.86 -1.52 15.32
C ILE A 90 4.29 -2.90 15.84
N TYR A 91 3.56 -3.43 16.81
CA TYR A 91 3.94 -4.73 17.38
C TYR A 91 3.70 -5.86 16.38
N LYS A 92 2.64 -5.75 15.57
CA LYS A 92 2.41 -6.73 14.52
C LYS A 92 3.51 -6.69 13.48
N SER A 93 3.96 -5.49 13.11
CA SER A 93 5.09 -5.38 12.18
C SER A 93 6.36 -5.97 12.78
N TRP A 94 6.57 -5.75 14.08
CA TRP A 94 7.74 -6.32 14.75
C TRP A 94 7.68 -7.85 14.74
N LEU A 95 6.50 -8.42 15.02
CA LEU A 95 6.35 -9.86 14.96
C LEU A 95 6.58 -10.39 13.55
N ALA A 96 6.07 -9.68 12.54
CA ALA A 96 6.24 -10.12 11.15
C ALA A 96 7.71 -10.12 10.75
N ILE A 97 8.44 -9.05 11.11
CA ILE A 97 9.86 -8.98 10.74
C ILE A 97 10.67 -9.99 11.54
N GLN A 98 10.29 -10.25 12.80
CA GLN A 98 10.98 -11.28 13.58
C GLN A 98 10.76 -12.66 13.00
N LYS A 99 9.53 -12.96 12.55
CA LYS A 99 9.26 -14.24 11.92
C LYS A 99 9.99 -14.37 10.60
N ARG A 100 10.06 -13.28 9.83
CA ARG A 100 10.81 -13.31 8.57
C ARG A 100 12.30 -13.54 8.81
N LEU A 101 12.85 -12.92 9.86
CA LEU A 101 14.26 -13.10 10.19
C LEU A 101 14.54 -14.38 10.95
N GLN A 102 13.51 -15.07 11.42
CA GLN A 102 13.70 -16.32 12.15
C GLN A 102 14.09 -17.46 11.22
N ILE A 271 14.03 -8.50 25.05
CA ILE A 271 14.95 -7.39 24.87
C ILE A 271 14.26 -6.06 25.11
N LEU A 272 14.91 -4.98 24.71
CA LEU A 272 14.36 -3.63 24.88
C LEU A 272 13.52 -3.20 23.69
N LEU A 273 14.04 -3.39 22.47
CA LEU A 273 13.31 -3.18 21.17
C LEU A 273 12.59 -1.82 21.14
N THR A 274 13.20 -0.77 21.71
CA THR A 274 12.63 0.57 21.70
C THR A 274 13.63 1.52 21.06
N ARG A 275 13.16 2.32 20.11
CA ARG A 275 13.98 3.36 19.50
C ARG A 275 13.31 4.71 19.69
N SER A 276 13.98 5.79 19.25
CA SER A 276 13.46 7.13 19.50
C SER A 276 13.76 8.07 18.33
N SER A 277 13.06 9.20 18.30
CA SER A 277 13.25 10.21 17.25
C SER A 277 12.84 11.58 17.77
N SER A 278 12.70 12.55 16.87
CA SER A 278 12.34 13.90 17.26
C SER A 278 10.87 14.17 16.98
N LEU A 279 10.35 13.73 15.84
CA LEU A 279 8.93 14.07 15.60
C LEU A 279 8.04 13.20 16.51
N PRO A 280 6.88 13.71 16.96
CA PRO A 280 5.97 12.91 17.77
C PRO A 280 5.23 11.81 17.02
N PHE A 281 4.93 10.72 17.72
CA PHE A 281 4.22 9.57 17.10
C PHE A 281 2.92 10.06 16.47
N PRO A 282 2.39 9.40 15.40
CA PRO A 282 1.27 9.93 14.61
C PRO A 282 -0.10 9.87 15.31
N LEU A 283 -1.15 10.13 14.53
CA LEU A 283 -2.56 10.01 15.01
C LEU A 283 -3.40 9.31 13.93
N VAL A 284 -4.06 8.20 14.29
CA VAL A 284 -4.79 7.38 13.28
C VAL A 284 -6.27 7.75 13.30
N PHE A 285 -7.07 7.20 12.37
CA PHE A 285 -8.52 7.46 12.29
C PHE A 285 -9.19 6.37 11.45
N GLU A 286 -9.64 5.22 12.02
CA GLU A 286 -10.19 4.20 11.14
C GLU A 286 -11.57 4.58 10.63
N THR A 287 -12.42 5.14 11.49
CA THR A 287 -13.76 5.53 11.07
C THR A 287 -13.71 6.81 10.24
N ASN A 288 -14.78 7.02 9.47
CA ASN A 288 -14.86 8.14 8.54
C ASN A 288 -15.87 9.22 8.92
N GLU A 289 -16.81 8.92 9.82
CA GLU A 289 -17.80 9.92 10.20
C GLU A 289 -17.22 11.01 11.09
N ASP A 290 -16.12 10.70 11.79
CA ASP A 290 -15.54 11.67 12.72
C ASP A 290 -14.90 12.84 12.00
N MET A 291 -14.24 12.59 10.88
CA MET A 291 -13.47 13.61 10.16
C MET A 291 -14.43 14.32 9.21
N VAL A 292 -14.68 15.60 9.49
CA VAL A 292 -15.69 16.38 8.79
C VAL A 292 -15.02 17.49 7.99
N TRP A 293 -15.52 17.71 6.78
CA TRP A 293 -15.02 18.77 5.90
C TRP A 293 -15.91 20.00 5.95
N SER A 294 -15.39 21.09 5.39
CA SER A 294 -16.12 22.33 5.24
C SER A 294 -15.44 23.17 4.18
N LYS A 295 -16.18 24.13 3.65
CA LYS A 295 -15.67 25.05 2.62
C LYS A 295 -15.34 26.39 3.26
N ASN A 296 -14.10 26.82 3.09
CA ASN A 296 -13.66 28.10 3.64
C ASN A 296 -14.27 29.25 2.84
N GLN A 297 -14.39 30.41 3.50
CA GLN A 297 -14.88 31.60 2.81
C GLN A 297 -13.93 32.03 1.72
N LYS A 298 -12.62 31.82 1.92
CA LYS A 298 -11.65 32.07 0.85
C LYS A 298 -11.84 31.09 -0.30
N GLY A 299 -12.13 29.83 0.02
CA GLY A 299 -12.33 28.81 -1.01
C GLY A 299 -11.55 27.55 -0.75
N ARG A 300 -10.84 27.49 0.38
CA ARG A 300 -10.04 26.33 0.72
C ARG A 300 -10.91 25.23 1.32
N LEU A 301 -10.32 24.04 1.42
CA LEU A 301 -11.02 22.84 1.90
C LEU A 301 -10.61 22.61 3.35
N CYS A 302 -11.39 23.17 4.28
CA CYS A 302 -11.06 23.04 5.69
C CYS A 302 -11.55 21.71 6.23
N VAL A 303 -10.84 21.20 7.24
CA VAL A 303 -11.18 19.94 7.88
C VAL A 303 -11.16 20.15 9.40
N HIS A 304 -12.13 19.57 10.09
CA HIS A 304 -12.17 19.61 11.55
C HIS A 304 -12.59 18.22 12.05
N PHE A 305 -11.69 17.56 12.78
CA PHE A 305 -11.96 16.23 13.28
C PHE A 305 -12.97 16.30 14.41
N ASN A 306 -13.63 15.17 14.67
CA ASN A 306 -14.51 15.07 15.83
C ASN A 306 -13.66 15.15 17.11
N GLY A 307 -14.11 15.97 18.05
CA GLY A 307 -13.27 16.33 19.17
C GLY A 307 -12.39 17.51 18.80
N LEU A 308 -12.21 18.43 19.74
CA LEU A 308 -11.50 19.73 19.49
C LEU A 308 -11.95 20.31 18.14
N SER A 309 -13.24 20.25 17.85
CA SER A 309 -13.78 20.70 16.57
C SER A 309 -13.80 22.21 16.42
N ASP A 310 -13.56 22.96 17.49
CA ASP A 310 -13.49 24.41 17.42
C ASP A 310 -12.21 24.92 16.77
N LEU A 311 -11.25 24.03 16.51
CA LEU A 311 -9.98 24.40 15.89
C LEU A 311 -10.01 23.98 14.43
N ILE A 312 -9.75 24.91 13.54
CA ILE A 312 -9.92 24.69 12.10
C ILE A 312 -8.55 24.40 11.48
N PHE A 313 -8.55 23.53 10.47
CA PHE A 313 -7.33 23.14 9.76
C PHE A 313 -7.53 23.37 8.27
N GLU A 314 -6.56 24.04 7.64
CA GLU A 314 -6.61 24.24 6.19
C GLU A 314 -5.78 23.18 5.48
N VAL A 315 -6.33 22.64 4.39
CA VAL A 315 -5.69 21.57 3.64
C VAL A 315 -5.07 22.13 2.37
N TYR A 316 -3.82 21.74 2.10
CA TYR A 316 -3.09 22.17 0.91
C TYR A 316 -2.59 20.91 0.21
N CYS A 317 -2.75 20.85 -1.11
CA CYS A 317 -2.37 19.66 -1.86
C CYS A 317 -2.18 20.04 -3.33
N GLY A 318 -1.77 19.06 -4.13
CA GLY A 318 -1.53 19.26 -5.54
C GLY A 318 -2.80 19.08 -6.38
N ASN A 319 -2.60 19.22 -7.69
CA ASN A 319 -3.72 19.14 -8.62
C ASN A 319 -4.30 17.72 -8.70
N ARG A 320 -3.44 16.70 -8.63
CA ARG A 320 -3.89 15.32 -8.72
C ARG A 320 -4.40 14.76 -7.39
N GLN A 321 -4.39 15.55 -6.33
CA GLN A 321 -4.93 15.13 -5.05
C GLN A 321 -6.12 15.97 -4.58
N LEU A 322 -6.43 17.08 -5.24
CA LEU A 322 -7.52 17.94 -4.78
C LEU A 322 -8.88 17.36 -5.11
N HIS A 323 -9.00 16.61 -6.20
CA HIS A 323 -10.31 16.09 -6.59
C HIS A 323 -10.80 15.02 -5.63
N TRP A 324 -9.90 14.29 -4.97
CA TRP A 324 -10.35 13.34 -3.95
C TRP A 324 -10.96 14.06 -2.75
N PHE A 325 -10.35 15.18 -2.34
CA PHE A 325 -10.96 15.97 -1.26
C PHE A 325 -12.25 16.63 -1.73
N GLN A 326 -12.35 17.00 -3.00
CA GLN A 326 -13.62 17.47 -3.55
C GLN A 326 -14.69 16.41 -3.42
N ARG A 327 -14.34 15.16 -3.75
CA ARG A 327 -15.29 14.05 -3.60
C ARG A 327 -15.64 13.81 -2.13
N PHE A 328 -14.66 13.97 -1.23
CA PHE A 328 -14.95 13.86 0.20
C PHE A 328 -15.97 14.90 0.64
N LEU A 329 -15.78 16.15 0.21
CA LEU A 329 -16.72 17.21 0.54
C LEU A 329 -18.10 16.92 -0.06
N GLU A 330 -18.15 16.45 -1.31
CA GLU A 330 -19.41 16.10 -1.92
C GLU A 330 -20.12 14.98 -1.17
N ASP A 331 -19.36 13.97 -0.74
CA ASP A 331 -19.94 12.88 0.04
C ASP A 331 -20.49 13.38 1.36
N GLN A 332 -19.76 14.27 2.03
CA GLN A 332 -20.25 14.83 3.29
C GLN A 332 -21.52 15.64 3.08
N GLN A 333 -21.56 16.46 2.02
CA GLN A 333 -22.75 17.26 1.74
C GLN A 333 -23.94 16.38 1.41
N THR A 334 -23.70 15.31 0.63
CA THR A 334 -24.76 14.37 0.31
C THR A 334 -25.26 13.64 1.55
N LYS A 335 -24.35 13.28 2.47
CA LYS A 335 -24.74 12.62 3.70
C LYS A 335 -25.60 13.55 4.57
N ARG A 336 -25.19 14.81 4.70
CA ARG A 336 -25.92 15.73 5.56
C ARG A 336 -27.18 16.31 4.90
N LYS A 337 -27.32 16.17 3.58
CA LYS A 337 -28.48 16.73 2.90
C LYS A 337 -29.64 15.75 2.88
N SER A 338 -29.35 14.45 2.78
CA SER A 338 -30.37 13.43 2.67
C SER A 338 -30.81 12.87 4.03
N LYS A 339 -30.58 13.63 5.11
CA LYS A 339 -30.94 13.22 6.46
C LYS A 339 -30.30 11.88 6.83
N ASN A 340 -29.03 11.71 6.43
CA ASN A 340 -28.25 10.51 6.72
C ASN A 340 -28.93 9.24 6.22
N GLN A 341 -29.52 9.31 5.02
CA GLN A 341 -30.15 8.16 4.40
C GLN A 341 -29.19 7.38 3.51
N HIS A 342 -27.98 7.88 3.32
CA HIS A 342 -26.98 7.21 2.50
C HIS A 342 -26.05 6.36 3.37
N SER A 343 -25.41 5.38 2.74
CA SER A 343 -24.56 4.44 3.46
C SER A 343 -23.26 5.11 3.89
N SER A 344 -22.90 4.96 5.17
CA SER A 344 -21.65 5.50 5.66
C SER A 344 -20.46 4.64 5.24
N GLY A 345 -20.65 3.32 5.13
CA GLY A 345 -19.56 2.43 4.77
C GLY A 345 -19.20 2.46 3.30
N LEU A 346 -20.00 3.14 2.48
CA LEU A 346 -19.75 3.25 1.05
C LEU A 346 -18.83 4.42 0.72
N PHE A 347 -18.39 5.18 1.73
CA PHE A 347 -17.48 6.30 1.49
C PHE A 347 -16.11 5.79 1.07
N THR A 348 -15.37 6.65 0.37
CA THR A 348 -14.08 6.23 -0.17
C THR A 348 -12.99 6.16 0.90
N LEU A 349 -13.23 6.74 2.07
CA LEU A 349 -12.21 6.76 3.11
C LEU A 349 -12.00 5.36 3.69
N ARG A 350 -10.74 5.02 3.93
CA ARG A 350 -10.39 3.81 4.67
C ARG A 350 -9.64 4.11 5.96
N ASN A 351 -8.54 4.84 5.88
CA ASN A 351 -7.72 5.18 7.05
C ASN A 351 -7.27 6.63 6.96
N GLY A 352 -6.96 7.20 8.11
CA GLY A 352 -6.39 8.54 8.16
C GLY A 352 -5.19 8.57 9.08
N HIS A 353 -4.09 9.13 8.59
CA HIS A 353 -2.84 9.20 9.33
C HIS A 353 -2.41 10.67 9.46
N LEU A 354 -2.07 11.07 10.67
CA LEU A 354 -1.63 12.42 10.96
C LEU A 354 -0.19 12.36 11.47
N VAL A 355 0.73 12.93 10.71
CA VAL A 355 2.16 12.83 10.99
C VAL A 355 2.79 14.22 10.81
N TRP A 356 4.11 14.28 11.01
CA TRP A 356 4.90 15.47 10.77
C TRP A 356 5.96 15.15 9.70
N LEU A 357 6.79 16.14 9.38
CA LEU A 357 7.76 15.97 8.30
C LEU A 357 9.15 16.51 8.64
N GLU A 358 9.42 16.81 9.91
CA GLU A 358 10.74 17.25 10.37
C GLU A 358 11.19 18.51 9.62
N GLY A 359 10.45 19.60 9.86
CA GLY A 359 10.82 20.88 9.27
C GLY A 359 12.17 21.35 9.78
N GLU A 360 13.06 21.70 8.86
CA GLU A 360 14.39 22.15 9.22
C GLU A 360 14.40 23.65 9.50
N GLY A 361 15.34 24.05 10.36
CA GLY A 361 15.50 25.44 10.73
C GLY A 361 15.66 25.57 12.23
N LYS A 362 15.43 26.79 12.72
CA LYS A 362 15.53 27.08 14.15
C LYS A 362 14.35 27.95 14.57
N GLY A 363 13.93 27.79 15.82
CA GLY A 363 12.83 28.57 16.35
C GLY A 363 11.90 27.75 17.22
N GLU A 364 10.63 28.14 17.26
CA GLU A 364 9.63 27.41 18.03
C GLU A 364 9.39 26.05 17.39
N PRO A 365 9.45 24.96 18.15
CA PRO A 365 9.23 23.63 17.55
C PRO A 365 7.89 23.47 16.84
N TRP A 366 6.82 24.04 17.41
CA TRP A 366 5.50 23.91 16.79
C TRP A 366 5.41 24.71 15.49
N ASN A 367 6.11 25.83 15.40
CA ASN A 367 6.13 26.66 14.21
C ASN A 367 7.21 26.26 13.21
N LEU A 368 8.01 25.23 13.53
CA LEU A 368 9.11 24.81 12.67
C LEU A 368 8.80 23.53 11.89
N HIS A 369 8.11 22.57 12.50
CA HIS A 369 7.85 21.29 11.88
C HIS A 369 6.46 21.29 11.25
N HIS A 370 6.40 20.94 9.97
CA HIS A 370 5.13 20.91 9.25
C HIS A 370 4.32 19.68 9.66
N LEU A 371 3.00 19.78 9.45
CA LEU A 371 2.07 18.71 9.77
C LEU A 371 1.40 18.24 8.49
N THR A 372 1.32 16.92 8.31
CA THR A 372 0.78 16.33 7.09
C THR A 372 -0.22 15.23 7.42
N LEU A 373 -1.09 14.97 6.45
CA LEU A 373 -2.16 13.99 6.56
C LEU A 373 -2.12 13.05 5.36
N TYR A 374 -2.30 11.77 5.64
CA TYR A 374 -2.45 10.74 4.62
C TYR A 374 -3.86 10.16 4.70
N CYS A 375 -4.54 10.11 3.56
CA CYS A 375 -5.88 9.53 3.46
C CYS A 375 -5.82 8.28 2.60
N CYS A 376 -6.33 7.18 3.13
CA CYS A 376 -6.37 5.92 2.41
C CYS A 376 -7.72 5.79 1.71
N VAL A 377 -7.68 5.73 0.39
CA VAL A 377 -8.89 5.64 -0.43
C VAL A 377 -8.86 4.34 -1.22
N ASP A 378 -9.99 4.03 -1.83
CA ASP A 378 -10.15 2.80 -2.59
C ASP A 378 -10.37 3.12 -4.07
N ASN A 379 -9.67 2.38 -4.94
CA ASN A 379 -9.78 2.60 -6.37
C ASN A 379 -11.18 2.29 -6.90
N ARG A 380 -11.84 1.28 -6.33
CA ARG A 380 -13.16 0.86 -6.79
C ARG A 380 -14.28 1.72 -6.25
N LEU A 381 -13.99 2.92 -5.74
CA LEU A 381 -15.01 3.86 -5.31
C LEU A 381 -15.00 5.17 -6.09
N TRP A 382 -13.98 5.41 -6.91
CA TRP A 382 -13.92 6.65 -7.69
C TRP A 382 -14.94 6.66 -8.81
N THR A 383 -15.07 5.56 -9.54
CA THR A 383 -15.99 5.45 -10.66
C THR A 383 -17.30 4.83 -10.23
N GLU A 384 -18.31 4.96 -11.09
CA GLU A 384 -19.64 4.43 -10.77
C GLU A 384 -19.65 2.91 -10.76
N GLU A 385 -19.10 2.29 -11.81
CA GLU A 385 -19.17 0.83 -11.93
C GLU A 385 -18.52 0.15 -10.74
N GLY A 386 -17.40 0.70 -10.25
CA GLY A 386 -16.80 0.18 -9.04
C GLY A 386 -17.73 0.29 -7.84
N THR A 387 -18.52 1.37 -7.78
CA THR A 387 -19.43 1.54 -6.62
C THR A 387 -20.62 0.59 -6.70
N GLU A 388 -21.09 0.24 -7.91
CA GLU A 388 -22.08 -0.84 -8.02
C GLU A 388 -21.47 -2.19 -7.67
N ILE A 389 -20.24 -2.45 -8.10
CA ILE A 389 -19.60 -3.73 -7.79
C ILE A 389 -19.43 -3.88 -6.28
N VAL A 390 -18.93 -2.85 -5.62
CA VAL A 390 -18.66 -2.95 -4.18
C VAL A 390 -19.94 -3.04 -3.38
N ARG A 391 -21.00 -2.31 -3.79
CA ARG A 391 -22.25 -2.41 -3.04
C ARG A 391 -22.92 -3.76 -3.27
N GLN A 392 -22.81 -4.32 -4.49
CA GLN A 392 -23.33 -5.66 -4.72
C GLN A 392 -22.57 -6.70 -3.90
N GLU A 393 -21.25 -6.56 -3.80
CA GLU A 393 -20.47 -7.48 -2.97
C GLU A 393 -20.85 -7.37 -1.51
N LYS A 394 -21.02 -6.13 -1.01
CA LYS A 394 -21.42 -5.94 0.39
C LYS A 394 -22.80 -6.52 0.66
N ALA A 395 -23.75 -6.29 -0.25
CA ALA A 395 -25.09 -6.83 -0.06
C ALA A 395 -25.08 -8.35 -0.10
N ASP A 396 -24.31 -8.94 -1.01
CA ASP A 396 -24.19 -10.39 -1.08
C ASP A 396 -23.59 -10.95 0.21
N GLU A 397 -22.55 -10.30 0.72
CA GLU A 397 -21.93 -10.75 1.97
C GLU A 397 -22.91 -10.66 3.14
N ILE A 398 -23.66 -9.56 3.21
CA ILE A 398 -24.62 -9.38 4.30
C ILE A 398 -25.71 -10.44 4.23
N THR A 399 -26.25 -10.69 3.03
CA THR A 399 -27.29 -11.70 2.87
C THR A 399 -26.76 -13.09 3.19
N LYS A 400 -25.53 -13.39 2.76
CA LYS A 400 -24.94 -14.69 3.06
C LYS A 400 -24.74 -14.88 4.56
N PHE A 401 -24.27 -13.84 5.26
CA PHE A 401 -24.12 -13.95 6.71
C PHE A 401 -25.47 -14.11 7.40
N ILE A 402 -26.49 -13.37 6.95
CA ILE A 402 -27.81 -13.47 7.55
C ILE A 402 -28.38 -14.87 7.36
N THR A 403 -28.27 -15.42 6.14
CA THR A 403 -28.75 -16.77 5.90
C THR A 403 -27.94 -17.81 6.66
N ASN A 404 -26.65 -17.57 6.87
CA ASN A 404 -25.86 -18.45 7.71
C ASN A 404 -26.36 -18.43 9.15
N MET A 405 -26.69 -17.25 9.67
CA MET A 405 -27.27 -17.13 11.00
C MET A 405 -28.72 -17.59 11.03
N LYS A 406 -29.39 -17.64 9.88
CA LYS A 406 -30.78 -18.09 9.83
C LYS A 406 -30.88 -19.47 9.20
N SER A 412 -29.37 -13.09 23.30
CA SER A 412 -28.68 -12.71 22.07
C SER A 412 -29.10 -11.33 21.60
N ASP A 413 -29.16 -10.38 22.54
CA ASP A 413 -29.52 -9.00 22.23
C ASP A 413 -28.49 -8.31 21.34
N THR A 414 -27.20 -8.56 21.58
CA THR A 414 -26.16 -7.95 20.76
C THR A 414 -26.27 -8.42 19.31
N GLN A 415 -26.46 -9.74 19.11
CA GLN A 415 -26.59 -10.27 17.75
C GLN A 415 -27.85 -9.74 17.08
N GLN A 416 -28.94 -9.59 17.85
CA GLN A 416 -30.16 -9.03 17.29
C GLN A 416 -29.93 -7.60 16.83
N ALA A 417 -29.39 -6.75 17.70
CA ALA A 417 -29.11 -5.37 17.32
C ALA A 417 -28.17 -5.32 16.12
N LEU A 418 -27.22 -6.26 16.05
CA LEU A 418 -26.34 -6.34 14.90
C LEU A 418 -27.12 -6.65 13.63
N ILE A 419 -28.10 -7.55 13.69
CA ILE A 419 -28.80 -7.92 12.46
C ILE A 419 -29.72 -6.79 12.02
N GLN A 420 -30.37 -6.06 12.96
CA GLN A 420 -31.11 -4.90 12.48
C GLN A 420 -30.20 -3.80 11.95
N ARG A 421 -29.01 -3.62 12.54
CA ARG A 421 -28.06 -2.66 11.99
C ARG A 421 -27.63 -3.06 10.58
N LYS A 422 -27.39 -4.36 10.36
CA LYS A 422 -27.00 -4.84 9.04
C LYS A 422 -28.12 -4.63 8.02
N GLN A 423 -29.36 -4.92 8.41
CA GLN A 423 -30.47 -4.69 7.48
C GLN A 423 -30.68 -3.20 7.22
N SER A 424 -30.43 -2.35 8.22
CA SER A 424 -30.52 -0.90 8.01
C SER A 424 -29.47 -0.43 7.02
N THR A 425 -28.23 -0.93 7.16
CA THR A 425 -27.19 -0.58 6.21
C THR A 425 -27.51 -1.12 4.82
N LEU A 426 -28.12 -2.31 4.74
CA LEU A 426 -28.52 -2.84 3.44
C LEU A 426 -29.56 -1.93 2.78
N THR A 427 -30.51 -1.43 3.56
CA THR A 427 -31.47 -0.46 3.02
C THR A 427 -30.79 0.83 2.61
N ARG A 428 -29.82 1.30 3.40
CA ARG A 428 -29.11 2.52 3.06
C ARG A 428 -28.29 2.38 1.79
N ILE A 429 -27.81 1.16 1.51
CA ILE A 429 -26.97 0.91 0.34
C ILE A 429 -27.75 1.17 -0.96
N ASN A 430 -29.04 0.86 -0.98
CA ASN A 430 -29.84 0.95 -2.20
C ASN A 430 -29.85 2.36 -2.79
N ASN A 431 -29.66 3.40 -1.98
CA ASN A 431 -29.57 4.75 -2.50
C ASN A 431 -28.29 4.93 -3.30
N SER A 432 -28.37 5.67 -4.40
CA SER A 432 -27.27 5.84 -5.32
C SER A 432 -26.61 7.20 -5.13
N PHE A 433 -25.28 7.22 -5.23
CA PHE A 433 -24.51 8.44 -5.12
C PHE A 433 -24.39 9.11 -6.49
N GLU A 434 -24.27 10.44 -6.48
CA GLU A 434 -24.10 11.21 -7.71
C GLU A 434 -22.62 11.17 -8.09
N ARG A 435 -22.23 10.05 -8.71
CA ARG A 435 -20.84 9.82 -9.07
C ARG A 435 -20.70 9.73 -10.59
N PRO A 436 -19.53 10.11 -11.13
CA PRO A 436 -19.32 10.01 -12.58
C PRO A 436 -19.35 8.57 -13.06
N SER A 437 -19.82 8.39 -14.29
CA SER A 437 -19.93 7.08 -14.92
C SER A 437 -18.82 6.91 -15.94
N GLN A 438 -18.05 5.82 -15.79
CA GLN A 438 -16.96 5.49 -16.68
C GLN A 438 -17.11 4.03 -17.10
N PRO A 439 -16.90 3.72 -18.38
CA PRO A 439 -17.01 2.32 -18.81
C PRO A 439 -15.99 1.44 -18.10
N LEU A 440 -16.43 0.23 -17.76
CA LEU A 440 -15.58 -0.71 -17.04
C LEU A 440 -14.74 -1.52 -18.00
N TYR A 441 -13.50 -1.81 -17.59
CA TYR A 441 -12.57 -2.60 -18.38
C TYR A 441 -12.70 -4.06 -18.01
N GLN A 442 -13.03 -4.90 -18.99
CA GLN A 442 -13.17 -6.34 -18.81
C GLN A 442 -12.27 -7.03 -19.84
N GLY A 443 -11.04 -7.32 -19.44
CA GLY A 443 -10.13 -7.98 -20.35
C GLY A 443 -10.54 -9.40 -20.65
N GLN A 444 -10.14 -9.87 -21.83
CA GLN A 444 -10.47 -11.23 -22.24
C GLN A 444 -9.73 -12.25 -21.39
N SER A 445 -10.39 -13.37 -21.12
CA SER A 445 -9.76 -14.42 -20.32
C SER A 445 -8.74 -15.20 -21.14
N HIS A 446 -8.98 -15.36 -22.44
CA HIS A 446 -8.08 -16.16 -23.27
C HIS A 446 -6.75 -15.44 -23.50
N ILE A 447 -6.78 -14.11 -23.61
CA ILE A 447 -5.56 -13.36 -23.87
C ILE A 447 -4.70 -13.36 -22.61
N LEU A 448 -3.39 -13.52 -22.78
CA LEU A 448 -2.45 -13.58 -21.68
C LEU A 448 -1.28 -12.63 -21.93
N VAL A 449 -0.71 -12.12 -20.84
CA VAL A 449 0.53 -11.36 -20.86
C VAL A 449 1.45 -11.95 -19.80
N GLY A 450 2.69 -12.19 -20.15
CA GLY A 450 3.68 -12.72 -19.23
C GLY A 450 4.88 -11.80 -19.12
N VAL A 451 5.39 -11.63 -17.90
CA VAL A 451 6.59 -10.83 -17.68
C VAL A 451 7.67 -11.72 -17.08
N SER A 452 8.88 -11.61 -17.63
CA SER A 452 10.02 -12.38 -17.17
C SER A 452 11.06 -11.41 -16.60
N LEU A 453 11.59 -11.77 -15.42
CA LEU A 453 12.55 -10.95 -14.70
C LEU A 453 13.93 -11.59 -14.85
N GLY A 454 14.86 -10.84 -15.43
CA GLY A 454 16.22 -11.35 -15.62
C GLY A 454 17.27 -10.36 -15.16
N LEU A 455 18.49 -10.50 -15.67
CA LEU A 455 19.59 -9.59 -15.35
C LEU A 455 20.07 -8.81 -16.56
N GLU A 456 20.44 -9.51 -17.65
CA GLU A 456 20.81 -8.81 -18.88
C GLU A 456 19.62 -8.04 -19.44
N LYS A 457 18.44 -8.66 -19.41
CA LYS A 457 17.18 -7.98 -19.73
C LYS A 457 16.28 -8.09 -18.50
N PRO A 458 16.30 -7.10 -17.60
CA PRO A 458 15.61 -7.26 -16.32
C PRO A 458 14.11 -7.43 -16.42
N ALA A 459 13.48 -6.97 -17.50
CA ALA A 459 12.04 -7.15 -17.66
C ALA A 459 11.73 -7.35 -19.13
N THR A 460 11.11 -8.48 -19.45
CA THR A 460 10.65 -8.77 -20.81
C THR A 460 9.16 -9.14 -20.77
N VAL A 461 8.44 -8.76 -21.82
CA VAL A 461 6.99 -8.91 -21.88
C VAL A 461 6.62 -9.68 -23.14
N ALA A 462 5.78 -10.70 -22.97
CA ALA A 462 5.24 -11.47 -24.09
C ALA A 462 3.72 -11.45 -23.99
N VAL A 463 3.07 -10.89 -25.02
CA VAL A 463 1.61 -10.84 -25.09
C VAL A 463 1.19 -11.94 -26.05
N VAL A 464 0.48 -12.95 -25.54
CA VAL A 464 0.18 -14.17 -26.26
C VAL A 464 -1.32 -14.40 -26.25
N ASP A 465 -1.80 -15.05 -27.32
CA ASP A 465 -3.22 -15.40 -27.42
C ASP A 465 -3.54 -16.59 -26.52
N ALA A 466 -2.55 -17.44 -26.26
CA ALA A 466 -2.66 -18.60 -25.37
C ALA A 466 -3.62 -19.65 -25.88
N ILE A 467 -4.22 -19.41 -27.05
CA ILE A 467 -5.08 -20.38 -27.71
C ILE A 467 -4.34 -21.07 -28.86
N ALA A 468 -3.76 -20.29 -29.75
CA ALA A 468 -2.88 -20.78 -30.79
C ALA A 468 -1.48 -20.25 -30.52
N ASN A 469 -0.46 -21.06 -30.82
CA ASN A 469 0.91 -20.69 -30.49
C ASN A 469 1.46 -19.65 -31.45
N LYS A 470 0.78 -18.51 -31.56
CA LYS A 470 1.25 -17.34 -32.29
C LYS A 470 1.21 -16.16 -31.34
N VAL A 471 2.36 -15.52 -31.14
CA VAL A 471 2.49 -14.48 -30.13
C VAL A 471 2.09 -13.14 -30.73
N LEU A 472 1.18 -12.43 -30.05
CA LEU A 472 0.78 -11.11 -30.51
C LEU A 472 1.90 -10.09 -30.40
N ALA A 473 2.66 -10.11 -29.30
CA ALA A 473 3.57 -9.01 -29.07
C ALA A 473 4.79 -9.47 -28.28
N TYR A 474 5.95 -8.96 -28.68
CA TYR A 474 7.21 -9.05 -27.96
C TYR A 474 7.63 -7.65 -27.52
N ARG A 475 8.14 -7.54 -26.29
CA ARG A 475 8.60 -6.24 -25.79
C ARG A 475 9.79 -6.43 -24.87
N SER A 476 10.92 -5.82 -25.24
CA SER A 476 12.08 -5.71 -24.37
C SER A 476 11.96 -4.47 -23.49
N ILE A 477 12.81 -4.40 -22.46
CA ILE A 477 12.76 -3.29 -21.52
C ILE A 477 13.18 -1.97 -22.16
N LYS A 478 13.98 -2.02 -23.24
CA LYS A 478 14.40 -0.78 -23.89
C LYS A 478 13.20 -0.06 -24.50
N GLN A 479 12.25 -0.79 -25.08
CA GLN A 479 11.07 -0.19 -25.66
C GLN A 479 10.08 0.29 -24.60
N LEU A 480 10.10 -0.33 -23.42
CA LEU A 480 9.12 0.01 -22.38
C LEU A 480 9.31 1.44 -21.89
N LEU A 481 10.55 1.86 -21.68
CA LEU A 481 10.85 3.19 -21.14
C LEU A 481 11.02 4.15 -22.31
N GLY A 482 9.97 4.91 -22.59
CA GLY A 482 10.02 5.90 -23.65
C GLY A 482 10.89 7.08 -23.25
N ASP A 483 12.06 7.20 -23.88
CA ASP A 483 13.03 8.25 -23.57
C ASP A 483 13.41 8.22 -22.08
N ASN A 484 13.54 7.02 -21.53
CA ASN A 484 13.93 6.86 -20.13
C ASN A 484 14.91 5.71 -19.92
N TYR A 485 15.52 5.18 -20.99
CA TYR A 485 16.38 4.01 -20.86
C TYR A 485 17.67 4.30 -20.12
N GLU A 486 18.16 5.55 -20.16
CA GLU A 486 19.35 5.91 -19.42
C GLU A 486 19.14 5.83 -17.91
N LEU A 487 17.90 5.88 -17.45
CA LEU A 487 17.61 5.79 -16.03
C LEU A 487 18.00 4.42 -15.46
N LEU A 488 17.83 3.36 -16.24
CA LEU A 488 18.25 2.03 -15.79
C LEU A 488 19.76 1.97 -15.58
N ASN A 489 20.53 2.53 -16.52
CA ASN A 489 21.99 2.56 -16.36
C ASN A 489 22.39 3.43 -15.18
N ARG A 490 21.71 4.56 -14.99
CA ARG A 490 21.99 5.42 -13.85
C ARG A 490 21.73 4.68 -12.54
N GLN A 491 20.61 3.95 -12.46
CA GLN A 491 20.30 3.21 -11.24
C GLN A 491 21.29 2.08 -11.00
N ARG A 492 21.73 1.41 -12.08
CA ARG A 492 22.73 0.36 -11.92
C ARG A 492 24.05 0.93 -11.42
N ARG A 493 24.48 2.08 -11.95
CA ARG A 493 25.70 2.72 -11.47
C ARG A 493 25.56 3.13 -10.00
N GLN A 494 24.41 3.69 -9.64
CA GLN A 494 24.20 4.09 -8.25
C GLN A 494 24.19 2.89 -7.31
N GLN A 495 23.59 1.77 -7.75
CA GLN A 495 23.59 0.56 -6.94
C GLN A 495 24.99 0.00 -6.78
N GLN A 496 25.79 0.02 -7.85
CA GLN A 496 27.18 -0.43 -7.74
C GLN A 496 27.98 0.45 -6.78
N TYR A 497 27.80 1.77 -6.88
CA TYR A 497 28.50 2.68 -5.98
C TYR A 497 28.06 2.47 -4.53
N LEU A 498 26.77 2.27 -4.30
CA LEU A 498 26.27 2.02 -2.95
C LEU A 498 26.81 0.71 -2.39
N SER A 499 26.89 -0.33 -3.23
CA SER A 499 27.46 -1.60 -2.79
C SER A 499 28.94 -1.44 -2.44
N HIS A 500 29.68 -0.68 -3.25
CA HIS A 500 31.08 -0.41 -2.93
C HIS A 500 31.21 0.36 -1.63
N GLU A 501 30.33 1.33 -1.40
CA GLU A 501 30.38 2.10 -0.16
C GLU A 501 30.07 1.23 1.06
N ARG A 502 29.09 0.33 0.94
CA ARG A 502 28.81 -0.60 2.02
C ARG A 502 29.97 -1.56 2.26
N HIS A 503 30.64 -2.01 1.18
CA HIS A 503 31.79 -2.89 1.34
C HIS A 503 32.94 -2.21 2.07
N LYS A 504 33.01 -0.87 2.04
CA LYS A 504 34.03 -0.15 2.78
C LYS A 504 33.87 -0.30 4.29
N ALA A 505 32.64 -0.33 4.78
CA ALA A 505 32.38 -0.47 6.21
C ALA A 505 31.51 -1.68 6.50
N ALA A 516 20.69 6.72 0.00
CA ALA A 516 20.14 6.25 -1.26
C ALA A 516 19.16 7.27 -1.84
N SER A 517 19.15 7.39 -3.16
CA SER A 517 18.27 8.32 -3.85
C SER A 517 16.89 7.75 -4.11
N GLU A 518 16.65 6.48 -3.79
CA GLU A 518 15.36 5.81 -3.98
C GLU A 518 14.93 5.88 -5.44
N LEU A 519 15.89 5.74 -6.36
CA LEU A 519 15.57 5.72 -7.78
C LEU A 519 14.95 4.39 -8.20
N GLY A 520 15.29 3.30 -7.52
CA GLY A 520 14.72 2.00 -7.88
C GLY A 520 13.21 1.96 -7.75
N GLN A 521 12.67 2.63 -6.73
CA GLN A 521 11.22 2.70 -6.58
C GLN A 521 10.58 3.43 -7.77
N HIS A 522 11.18 4.55 -8.18
CA HIS A 522 10.66 5.29 -9.32
C HIS A 522 10.72 4.46 -10.60
N ILE A 523 11.82 3.73 -10.81
CA ILE A 523 11.94 2.89 -12.00
C ILE A 523 10.92 1.76 -11.96
N ASP A 524 10.71 1.16 -10.78
CA ASP A 524 9.72 0.10 -10.66
C ASP A 524 8.31 0.61 -10.96
N ARG A 525 7.97 1.79 -10.46
CA ARG A 525 6.64 2.35 -10.73
C ARG A 525 6.49 2.72 -12.21
N LEU A 526 7.55 3.26 -12.83
CA LEU A 526 7.50 3.53 -14.27
C LEU A 526 7.28 2.25 -15.06
N LEU A 527 7.99 1.19 -14.69
CA LEU A 527 7.82 -0.10 -15.36
C LEU A 527 6.41 -0.63 -15.18
N ALA A 528 5.86 -0.51 -13.96
CA ALA A 528 4.50 -0.98 -13.72
C ALA A 528 3.50 -0.22 -14.56
N LYS A 529 3.63 1.10 -14.64
CA LYS A 529 2.72 1.89 -15.46
C LYS A 529 2.85 1.52 -16.93
N ALA A 530 4.09 1.31 -17.41
CA ALA A 530 4.29 0.93 -18.81
C ALA A 530 3.67 -0.42 -19.12
N ILE A 531 3.83 -1.41 -18.23
CA ILE A 531 3.29 -2.73 -18.49
C ILE A 531 1.77 -2.70 -18.45
N VAL A 532 1.19 -1.95 -17.51
CA VAL A 532 -0.26 -1.86 -17.44
C VAL A 532 -0.82 -1.14 -18.67
N ALA A 533 -0.14 -0.10 -19.15
CA ALA A 533 -0.56 0.57 -20.38
C ALA A 533 -0.48 -0.38 -21.57
N LEU A 534 0.58 -1.18 -21.65
CA LEU A 534 0.72 -2.16 -22.73
C LEU A 534 -0.40 -3.19 -22.67
N ALA A 535 -0.73 -3.68 -21.48
CA ALA A 535 -1.80 -4.65 -21.34
C ALA A 535 -3.15 -4.04 -21.72
N ARG A 536 -3.38 -2.78 -21.34
CA ARG A 536 -4.62 -2.11 -21.70
C ARG A 536 -4.71 -1.87 -23.20
N THR A 537 -3.57 -1.65 -23.86
CA THR A 537 -3.58 -1.44 -25.30
C THR A 537 -4.01 -2.69 -26.05
N TYR A 538 -3.58 -3.86 -25.58
CA TYR A 538 -3.86 -5.13 -26.25
C TYR A 538 -5.08 -5.83 -25.67
N LYS A 539 -5.91 -5.11 -24.90
CA LYS A 539 -7.12 -5.67 -24.29
C LYS A 539 -6.81 -6.89 -23.43
N ALA A 540 -5.70 -6.83 -22.70
CA ALA A 540 -5.29 -7.93 -21.85
C ALA A 540 -5.99 -7.87 -20.50
N GLY A 541 -6.27 -9.05 -19.95
CA GLY A 541 -6.94 -9.14 -18.67
C GLY A 541 -6.20 -9.98 -17.65
N SER A 542 -5.28 -10.81 -18.11
CA SER A 542 -4.52 -11.71 -17.25
C SER A 542 -3.03 -11.55 -17.53
N ILE A 543 -2.25 -11.32 -16.48
CA ILE A 543 -0.81 -11.17 -16.58
C ILE A 543 -0.15 -12.02 -15.50
N VAL A 544 0.96 -12.67 -15.85
CA VAL A 544 1.68 -13.58 -14.96
C VAL A 544 3.06 -13.03 -14.68
N LEU A 545 3.47 -13.15 -13.41
CA LEU A 545 4.73 -12.71 -12.85
C LEU A 545 5.43 -13.89 -12.20
N PRO A 546 6.77 -13.93 -12.25
CA PRO A 546 7.48 -14.99 -11.53
C PRO A 546 7.42 -14.79 -10.03
N LYS A 547 7.49 -15.91 -9.30
CA LYS A 547 7.47 -15.86 -7.85
C LYS A 547 8.80 -15.36 -7.30
N LEU A 548 8.72 -14.56 -6.23
CA LEU A 548 9.91 -13.95 -5.66
C LEU A 548 10.77 -14.95 -4.90
N GLY A 549 10.14 -15.89 -4.19
CA GLY A 549 10.90 -16.78 -3.32
C GLY A 549 11.81 -17.73 -4.07
N ASP A 550 11.35 -18.26 -5.19
CA ASP A 550 12.07 -19.32 -5.90
C ASP A 550 12.85 -18.83 -7.11
N MET A 551 13.01 -17.52 -7.27
CA MET A 551 13.69 -16.99 -8.45
C MET A 551 15.15 -16.65 -8.20
N ARG A 552 15.64 -16.82 -6.96
CA ARG A 552 17.07 -16.64 -6.71
C ARG A 552 17.88 -17.70 -7.43
N GLU A 553 17.43 -18.96 -7.40
CA GLU A 553 18.07 -19.99 -8.20
C GLU A 553 17.93 -19.72 -9.69
N VAL A 554 16.84 -19.06 -10.10
CA VAL A 554 16.70 -18.67 -11.49
C VAL A 554 17.77 -17.65 -11.87
N VAL A 555 18.02 -16.67 -11.01
CA VAL A 555 19.07 -15.69 -11.25
C VAL A 555 20.44 -16.37 -11.31
N GLN A 556 20.69 -17.29 -10.37
CA GLN A 556 21.97 -18.00 -10.36
C GLN A 556 22.15 -18.84 -11.63
N SER A 557 21.09 -19.49 -12.08
CA SER A 557 21.17 -20.28 -13.31
C SER A 557 21.34 -19.40 -14.53
N GLU A 558 20.76 -18.20 -14.53
CA GLU A 558 20.99 -17.27 -15.63
C GLU A 558 22.45 -16.82 -15.67
N ILE A 559 23.03 -16.54 -14.50
CA ILE A 559 24.45 -16.20 -14.43
C ILE A 559 25.29 -17.35 -14.94
N GLN A 560 24.96 -18.57 -14.53
CA GLN A 560 25.69 -19.74 -15.00
C GLN A 560 25.59 -19.91 -16.51
N ALA A 561 24.38 -19.75 -17.06
CA ALA A 561 24.15 -19.93 -18.48
C ALA A 561 24.93 -18.89 -19.29
N ILE A 562 24.89 -17.63 -18.86
CA ILE A 562 25.68 -16.61 -19.58
C ILE A 562 27.17 -16.87 -19.37
N ALA A 563 27.55 -17.51 -18.26
CA ALA A 563 28.96 -17.82 -18.03
C ALA A 563 29.48 -18.81 -19.07
N GLU A 564 28.76 -19.91 -19.31
CA GLU A 564 29.22 -20.78 -20.40
C GLU A 564 28.89 -20.20 -21.77
N GLN A 565 27.97 -19.24 -21.86
CA GLN A 565 27.75 -18.56 -23.13
C GLN A 565 28.99 -17.77 -23.55
N LYS A 566 29.61 -17.07 -22.60
CA LYS A 566 30.79 -16.27 -22.93
C LYS A 566 32.01 -17.16 -23.17
N PHE A 567 32.25 -18.14 -22.31
CA PHE A 567 33.42 -19.01 -22.40
C PHE A 567 32.99 -20.46 -22.45
N PRO A 568 33.48 -21.24 -23.43
CA PRO A 568 32.93 -22.59 -23.67
C PRO A 568 33.04 -23.57 -22.52
N GLY A 569 34.25 -23.91 -22.08
CA GLY A 569 34.38 -25.03 -21.18
C GLY A 569 35.37 -24.98 -20.03
N TYR A 570 36.20 -23.93 -19.94
CA TYR A 570 37.22 -23.87 -18.90
C TYR A 570 36.64 -23.14 -17.69
N ILE A 571 36.52 -23.88 -16.57
CA ILE A 571 35.74 -23.43 -15.42
C ILE A 571 36.29 -22.13 -14.83
N GLU A 572 37.60 -21.89 -14.99
CA GLU A 572 38.17 -20.62 -14.55
C GLU A 572 37.54 -19.46 -15.29
N GLY A 573 37.28 -19.63 -16.59
CA GLY A 573 36.64 -18.57 -17.36
C GLY A 573 35.25 -18.25 -16.87
N GLN A 574 34.43 -19.29 -16.64
CA GLN A 574 33.08 -19.05 -16.13
C GLN A 574 33.11 -18.43 -14.73
N GLN A 575 34.03 -18.88 -13.87
CA GLN A 575 34.13 -18.30 -12.54
C GLN A 575 34.51 -16.82 -12.60
N LYS A 576 35.50 -16.48 -13.42
CA LYS A 576 35.92 -15.09 -13.55
C LYS A 576 34.81 -14.24 -14.14
N TYR A 577 34.12 -14.74 -15.17
CA TYR A 577 33.03 -14.00 -15.78
C TYR A 577 31.88 -13.79 -14.80
N ALA A 578 31.56 -14.82 -14.01
CA ALA A 578 30.51 -14.68 -13.00
C ALA A 578 30.88 -13.64 -11.95
N LYS A 579 32.13 -13.66 -11.48
CA LYS A 579 32.57 -12.68 -10.50
C LYS A 579 32.50 -11.27 -11.07
N GLN A 580 32.97 -11.08 -12.30
CA GLN A 580 32.92 -9.77 -12.93
C GLN A 580 31.49 -9.30 -13.14
N TYR A 581 30.61 -10.19 -13.57
CA TYR A 581 29.24 -9.80 -13.85
C TYR A 581 28.49 -9.49 -12.56
N ARG A 582 28.81 -10.20 -11.48
CA ARG A 582 28.22 -9.88 -10.18
C ARG A 582 28.72 -8.54 -9.65
N VAL A 583 30.01 -8.24 -9.82
CA VAL A 583 30.54 -7.00 -9.25
C VAL A 583 30.08 -5.80 -10.08
N ASN A 584 29.93 -5.97 -11.39
CA ASN A 584 29.51 -4.85 -12.23
C ASN A 584 28.04 -4.49 -12.00
N VAL A 585 27.16 -5.48 -11.99
CA VAL A 585 25.72 -5.25 -11.84
C VAL A 585 25.18 -6.12 -10.73
N HIS A 586 24.29 -5.56 -9.92
CA HIS A 586 23.69 -6.21 -8.77
C HIS A 586 22.21 -6.49 -9.04
N ARG A 587 21.50 -6.95 -8.02
CA ARG A 587 20.08 -7.28 -8.13
C ARG A 587 19.24 -6.06 -8.52
N TRP A 588 17.97 -6.29 -8.84
CA TRP A 588 17.13 -5.28 -9.45
C TRP A 588 15.92 -4.93 -8.57
N SER A 589 15.93 -5.35 -7.30
CA SER A 589 14.84 -5.09 -6.34
C SER A 589 13.52 -5.63 -6.88
N TYR A 590 13.49 -6.97 -7.00
CA TYR A 590 12.36 -7.64 -7.63
C TYR A 590 11.07 -7.45 -6.83
N GLY A 591 11.15 -7.49 -5.50
CA GLY A 591 9.94 -7.39 -4.70
C GLY A 591 9.22 -6.07 -4.87
N ARG A 592 9.97 -4.98 -5.01
CA ARG A 592 9.36 -3.68 -5.29
C ARG A 592 8.62 -3.70 -6.62
N LEU A 593 9.21 -4.34 -7.64
CA LEU A 593 8.54 -4.47 -8.92
C LEU A 593 7.26 -5.30 -8.79
N ILE A 594 7.30 -6.38 -8.01
CA ILE A 594 6.10 -7.20 -7.81
C ILE A 594 5.00 -6.37 -7.16
N GLN A 595 5.36 -5.62 -6.12
CA GLN A 595 4.37 -4.79 -5.42
C GLN A 595 3.80 -3.71 -6.35
N SER A 596 4.66 -3.07 -7.14
CA SER A 596 4.19 -2.04 -8.06
C SER A 596 3.26 -2.60 -9.12
N ILE A 597 3.62 -3.76 -9.69
CA ILE A 597 2.77 -4.39 -10.70
C ILE A 597 1.43 -4.76 -10.10
N GLN A 598 1.43 -5.34 -8.90
CA GLN A 598 0.18 -5.73 -8.25
C GLN A 598 -0.70 -4.51 -7.97
N SER A 599 -0.09 -3.43 -7.47
CA SER A 599 -0.85 -2.23 -7.15
C SER A 599 -1.45 -1.61 -8.40
N LYS A 600 -0.66 -1.51 -9.48
CA LYS A 600 -1.17 -0.89 -10.70
C LYS A 600 -2.24 -1.77 -11.37
N ALA A 601 -2.06 -3.09 -11.33
CA ALA A 601 -3.07 -3.99 -11.88
C ALA A 601 -4.37 -3.91 -11.09
N ALA A 602 -4.28 -3.83 -9.76
CA ALA A 602 -5.47 -3.66 -8.95
C ALA A 602 -6.13 -2.31 -9.22
N GLN A 603 -5.33 -1.27 -9.50
CA GLN A 603 -5.89 0.01 -9.89
C GLN A 603 -6.64 -0.08 -11.20
N THR A 604 -6.11 -0.84 -12.16
CA THR A 604 -6.76 -0.98 -13.46
C THR A 604 -7.79 -2.10 -13.47
N GLY A 605 -7.47 -3.25 -12.87
CA GLY A 605 -8.40 -4.37 -12.87
C GLY A 605 -7.93 -5.54 -13.70
N ILE A 606 -6.62 -5.78 -13.72
CA ILE A 606 -6.02 -6.86 -14.48
C ILE A 606 -5.62 -7.98 -13.53
N VAL A 607 -6.01 -9.21 -13.86
CA VAL A 607 -5.75 -10.35 -13.00
C VAL A 607 -4.25 -10.64 -12.96
N ILE A 608 -3.75 -10.97 -11.77
CA ILE A 608 -2.34 -11.27 -11.54
C ILE A 608 -2.21 -12.75 -11.20
N GLU A 609 -1.32 -13.45 -11.91
CA GLU A 609 -1.06 -14.86 -11.67
C GLU A 609 0.44 -15.08 -11.52
N GLU A 610 0.79 -16.27 -11.04
CA GLU A 610 2.17 -16.68 -10.84
C GLU A 610 2.44 -17.99 -11.58
N GLY A 611 3.71 -18.24 -11.85
CA GLY A 611 4.09 -19.44 -12.59
C GLY A 611 5.57 -19.71 -12.45
N LYS A 612 5.98 -20.85 -13.00
CA LYS A 612 7.37 -21.27 -12.94
C LYS A 612 8.16 -20.65 -14.10
N GLN A 613 9.21 -19.91 -13.78
CA GLN A 613 10.10 -19.35 -14.78
C GLN A 613 11.07 -20.43 -15.24
N PRO A 614 11.15 -20.72 -16.54
CA PRO A 614 12.03 -21.80 -17.00
C PRO A 614 13.48 -21.33 -17.09
N ILE A 615 14.36 -22.30 -17.34
CA ILE A 615 15.80 -22.11 -17.21
C ILE A 615 16.49 -22.40 -18.54
N ARG A 616 17.52 -21.61 -18.84
CA ARG A 616 18.35 -21.71 -20.04
C ARG A 616 17.50 -21.51 -21.30
N GLY A 617 16.94 -20.31 -21.38
CA GLY A 617 16.20 -19.88 -22.55
C GLY A 617 16.30 -18.38 -22.72
N SER A 618 15.93 -17.93 -23.91
CA SER A 618 15.92 -16.50 -24.19
C SER A 618 14.89 -15.81 -23.31
N PRO A 619 15.19 -14.61 -22.78
CA PRO A 619 14.23 -13.94 -21.88
C PRO A 619 12.87 -13.69 -22.50
N HIS A 620 12.83 -13.38 -23.80
CA HIS A 620 11.54 -13.29 -24.48
C HIS A 620 10.86 -14.66 -24.55
N ASP A 621 11.63 -15.69 -24.91
CA ASP A 621 11.10 -17.06 -24.89
C ASP A 621 10.77 -17.49 -23.46
N LYS A 622 11.54 -17.00 -22.47
CA LYS A 622 11.21 -17.28 -21.07
C LYS A 622 9.86 -16.71 -20.70
N ALA A 623 9.59 -15.46 -21.07
CA ALA A 623 8.29 -14.85 -20.80
C ALA A 623 7.16 -15.58 -21.52
N LYS A 624 7.39 -15.97 -22.79
CA LYS A 624 6.36 -16.69 -23.52
C LYS A 624 6.06 -18.04 -22.87
N GLU A 625 7.09 -18.77 -22.46
CA GLU A 625 6.90 -20.05 -21.79
C GLU A 625 6.19 -19.86 -20.46
N LEU A 626 6.53 -18.80 -19.73
CA LEU A 626 5.84 -18.50 -18.49
C LEU A 626 4.36 -18.23 -18.72
N ALA A 627 4.04 -17.48 -19.78
CA ALA A 627 2.63 -17.18 -20.07
C ALA A 627 1.85 -18.43 -20.45
N LEU A 628 2.45 -19.28 -21.30
CA LEU A 628 1.77 -20.54 -21.64
C LEU A 628 1.63 -21.45 -20.42
N SER A 629 2.64 -21.50 -19.54
CA SER A 629 2.54 -22.30 -18.33
C SER A 629 1.46 -21.76 -17.40
N ALA A 630 1.35 -20.44 -17.30
CA ALA A 630 0.29 -19.83 -16.50
C ALA A 630 -1.08 -20.16 -17.06
N TYR A 631 -1.22 -20.09 -18.37
CA TYR A 631 -2.50 -20.44 -18.99
C TYR A 631 -2.85 -21.91 -18.73
N ASN A 632 -1.86 -22.80 -18.83
CA ASN A 632 -2.10 -24.22 -18.57
C ASN A 632 -2.49 -24.44 -17.11
N LEU A 633 -1.82 -23.75 -16.18
CA LEU A 633 -2.14 -23.88 -14.76
C LEU A 633 -3.55 -23.37 -14.47
N ARG A 634 -3.93 -22.25 -15.09
CA ARG A 634 -5.28 -21.73 -14.91
C ARG A 634 -6.32 -22.68 -15.49
N LEU A 635 -6.03 -23.28 -16.64
CA LEU A 635 -6.96 -24.25 -17.22
C LEU A 635 -7.11 -25.47 -16.33
N THR A 636 -6.01 -25.98 -15.79
CA THR A 636 -6.09 -27.14 -14.91
C THR A 636 -6.73 -26.77 -13.58
N ARG A 637 -6.41 -25.60 -13.04
CA ARG A 637 -6.96 -25.15 -11.77
C ARG A 637 -7.92 -23.98 -11.96
#